data_7DT2
#
_entry.id   7DT2
#
_cell.length_a   105.692
_cell.length_b   132.302
_cell.length_c   56.344
_cell.angle_alpha   90.000
_cell.angle_beta   90.000
_cell.angle_gamma   90.000
#
_symmetry.space_group_name_H-M   'P 21 21 2'
#
loop_
_entity.id
_entity.type
_entity.pdbx_description
1 polymer 'Tyrosine-protein kinase ABL1'
2 non-polymer '[4-[5-[5-(dimethylcarbamoyl)pyridin-3-yl]-1H-pyrrolo[2,3-b]pyridin-3-yl]-2-methanoyl-5-methoxy-phenyl]boronic acid'
3 water water
#
_entity_poly.entity_id   1
_entity_poly.type   'polypeptide(L)'
_entity_poly.pdbx_seq_one_letter_code
;MGSSHHHHHHSSGLVPRGSHMENLYFQSSPNYDKWEMERTDITMKHKLGGGQYGEVYEGVWKKYSLTVAVKTLKEDTMEV
EEFLKEAAVMKEIKHPNLVQLLGVCTREPPFYIITEFMTYGNLLDYLRECNRQEVNAVVLLYMATQISSAMEYLEKKNFI
HRDLAARNCLVGENHLVKVADFGLSRLMTGDTYTAHAGAKFPIKWTAPESLAYNKFSIKSDVWAFGVLLWEIATYGMSPY
PGIDLSQVYELLEKDYRMERPEGCPEKVYELMRACWQWNPSDRPSFAEIHQAFETMFQESSISDEVEKEL
;
_entity_poly.pdbx_strand_id   A,B
#
loop_
_chem_comp.id
_chem_comp.type
_chem_comp.name
_chem_comp.formula
HJ9 non-polymer '[4-[5-[5-(dimethylcarbamoyl)pyridin-3-yl]-1H-pyrrolo[2,3-b]pyridin-3-yl]-2-methanoyl-5-methoxy-phenyl]boronic acid' 'C23 H21 B N4 O5'
#
# COMPACT_ATOMS: atom_id res chain seq x y z
N ASP A 33 -10.29 12.36 -15.57
CA ASP A 33 -10.53 11.77 -16.88
C ASP A 33 -12.02 11.52 -17.10
N LYS A 34 -12.34 10.61 -18.02
CA LYS A 34 -13.73 10.28 -18.31
C LYS A 34 -14.36 9.43 -17.21
N TRP A 35 -13.56 8.83 -16.33
CA TRP A 35 -14.11 8.00 -15.27
C TRP A 35 -14.59 8.81 -14.07
N GLU A 36 -14.04 10.01 -13.87
CA GLU A 36 -14.38 10.81 -12.70
C GLU A 36 -15.87 11.13 -12.63
N MET A 37 -16.38 11.20 -11.41
CA MET A 37 -17.81 11.35 -11.17
C MET A 37 -18.02 12.14 -9.88
N GLU A 38 -19.19 12.76 -9.79
CA GLU A 38 -19.57 13.53 -8.62
C GLU A 38 -20.26 12.60 -7.65
N ARG A 39 -19.87 12.65 -6.37
CA ARG A 39 -20.42 11.70 -5.41
C ARG A 39 -21.93 11.83 -5.28
N THR A 40 -22.45 13.05 -5.49
CA THR A 40 -23.90 13.26 -5.51
C THR A 40 -24.59 12.38 -6.54
N ASP A 41 -23.89 11.89 -7.56
CA ASP A 41 -24.51 11.06 -8.58
C ASP A 41 -24.94 9.70 -8.05
N ILE A 42 -24.54 9.35 -6.83
CA ILE A 42 -24.77 8.04 -6.26
C ILE A 42 -25.50 8.21 -4.93
N THR A 43 -26.51 7.39 -4.70
CA THR A 43 -27.21 7.33 -3.42
C THR A 43 -26.86 6.00 -2.77
N MET A 44 -26.24 6.07 -1.59
CA MET A 44 -25.80 4.88 -0.89
C MET A 44 -26.99 4.10 -0.33
N LYS A 45 -26.80 2.78 -0.21
CA LYS A 45 -27.75 1.92 0.47
C LYS A 45 -27.00 0.99 1.44
N HIS A 46 -27.50 -0.22 1.61
CA HIS A 46 -26.96 -1.12 2.63
C HIS A 46 -25.53 -1.54 2.30
N LYS A 47 -24.72 -1.69 3.34
CA LYS A 47 -23.43 -2.34 3.19
C LYS A 47 -23.64 -3.80 2.81
N LEU A 48 -22.87 -4.29 1.84
CA LEU A 48 -23.11 -5.61 1.28
C LEU A 48 -22.10 -6.63 1.79
N GLY A 49 -22.39 -7.90 1.48
CA GLY A 49 -21.52 -9.02 1.81
C GLY A 49 -21.27 -9.21 3.28
N GLY A 50 -22.12 -8.67 4.15
CA GLY A 50 -21.92 -8.82 5.57
C GLY A 50 -20.69 -8.14 6.12
N GLY A 51 -20.06 -7.26 5.33
CA GLY A 51 -18.84 -6.61 5.75
C GLY A 51 -17.56 -7.35 5.43
N GLN A 52 -17.65 -8.59 4.92
CA GLN A 52 -16.45 -9.39 4.70
C GLN A 52 -15.52 -8.80 3.65
N TYR A 53 -16.02 -7.87 2.84
CA TYR A 53 -15.23 -7.24 1.79
C TYR A 53 -14.79 -5.83 2.16
N GLY A 54 -15.01 -5.42 3.40
CA GLY A 54 -14.65 -4.08 3.81
C GLY A 54 -15.77 -3.09 3.56
N GLU A 55 -15.42 -1.88 3.14
CA GLU A 55 -16.42 -0.82 2.96
C GLU A 55 -16.93 -0.85 1.53
N VAL A 56 -17.83 -1.77 1.27
CA VAL A 56 -18.48 -1.93 -0.03
C VAL A 56 -19.98 -1.87 0.19
N TYR A 57 -20.66 -1.03 -0.59
CA TYR A 57 -22.07 -0.76 -0.41
C TYR A 57 -22.82 -0.97 -1.71
N GLU A 58 -24.07 -1.40 -1.58
CA GLU A 58 -25.01 -1.32 -2.69
C GLU A 58 -25.43 0.13 -2.87
N GLY A 59 -25.39 0.62 -4.12
CA GLY A 59 -25.73 1.99 -4.40
C GLY A 59 -26.59 2.11 -5.62
N VAL A 60 -27.16 3.30 -5.80
CA VAL A 60 -28.00 3.62 -6.96
C VAL A 60 -27.31 4.73 -7.73
N TRP A 61 -27.08 4.48 -9.01
CA TRP A 61 -26.64 5.52 -9.95
C TRP A 61 -27.92 6.15 -10.48
N LYS A 62 -28.32 7.27 -9.89
CA LYS A 62 -29.65 7.81 -10.11
C LYS A 62 -29.90 8.17 -11.58
N LYS A 63 -28.86 8.63 -12.28
CA LYS A 63 -29.02 9.00 -13.69
C LYS A 63 -29.59 7.87 -14.52
N TYR A 64 -29.11 6.64 -14.31
CA TYR A 64 -29.55 5.50 -15.11
C TYR A 64 -30.37 4.48 -14.31
N SER A 65 -30.86 4.86 -13.12
CA SER A 65 -31.66 3.97 -12.28
C SER A 65 -30.98 2.61 -12.12
N LEU A 66 -29.66 2.63 -11.98
CA LEU A 66 -28.85 1.43 -12.01
C LEU A 66 -28.33 1.09 -10.62
N THR A 67 -28.57 -0.13 -10.16
CA THR A 67 -27.97 -0.59 -8.93
C THR A 67 -26.49 -0.88 -9.16
N VAL A 68 -25.63 -0.31 -8.33
CA VAL A 68 -24.19 -0.41 -8.49
C VAL A 68 -23.58 -0.83 -7.15
N ALA A 69 -22.30 -1.20 -7.19
CA ALA A 69 -21.52 -1.50 -6.01
C ALA A 69 -20.53 -0.36 -5.76
N VAL A 70 -20.55 0.17 -4.55
CA VAL A 70 -19.72 1.32 -4.21
C VAL A 70 -18.79 0.96 -3.06
N LYS A 71 -17.61 1.32 -3.79
CA LYS A 71 -16.67 0.92 -2.83
C LYS A 71 -16.07 2.18 -2.12
N THR A 72 -15.95 2.18 -0.70
CA THR A 72 -15.45 3.45 -0.21
C THR A 72 -14.28 3.23 0.74
N LEU A 73 -13.63 4.32 1.15
CA LEU A 73 -12.46 4.26 2.00
C LEU A 73 -12.79 4.92 3.33
N LYS A 74 -12.62 4.18 4.43
CA LYS A 74 -12.95 4.68 5.76
C LYS A 74 -12.29 3.83 6.84
N MET A 78 -7.29 0.47 4.13
CA MET A 78 -6.02 0.58 3.42
C MET A 78 -5.62 2.03 3.24
N GLU A 79 -4.38 2.26 2.80
CA GLU A 79 -3.92 3.62 2.60
C GLU A 79 -4.61 4.24 1.40
N VAL A 80 -4.55 5.57 1.31
CA VAL A 80 -5.28 6.26 0.25
C VAL A 80 -4.64 5.99 -1.11
N GLU A 81 -3.30 5.92 -1.15
CA GLU A 81 -2.62 5.76 -2.43
C GLU A 81 -2.82 4.36 -3.01
N GLU A 82 -2.89 3.33 -2.16
CA GLU A 82 -3.21 2.00 -2.69
C GLU A 82 -4.64 1.94 -3.19
N PHE A 83 -5.57 2.62 -2.50
CA PHE A 83 -6.94 2.69 -2.96
C PHE A 83 -7.03 3.33 -4.35
N LEU A 84 -6.33 4.45 -4.54
CA LEU A 84 -6.40 5.14 -5.83
C LEU A 84 -5.68 4.36 -6.93
N LYS A 85 -4.58 3.66 -6.59
CA LYS A 85 -3.93 2.81 -7.59
C LYS A 85 -4.86 1.69 -8.03
N GLU A 86 -5.58 1.08 -7.10
CA GLU A 86 -6.47 -0.02 -7.45
C GLU A 86 -7.64 0.48 -8.30
N ALA A 87 -8.00 1.76 -8.16
CA ALA A 87 -8.97 2.35 -9.09
C ALA A 87 -8.36 2.56 -10.47
N ALA A 88 -7.11 3.05 -10.52
CA ALA A 88 -6.47 3.31 -11.80
C ALA A 88 -6.20 2.02 -12.58
N VAL A 89 -5.89 0.92 -11.89
CA VAL A 89 -5.65 -0.34 -12.58
C VAL A 89 -6.93 -0.84 -13.24
N MET A 90 -8.07 -0.70 -12.55
CA MET A 90 -9.34 -1.18 -13.09
C MET A 90 -9.79 -0.41 -14.32
N LYS A 91 -9.27 0.80 -14.54
CA LYS A 91 -9.62 1.54 -15.76
C LYS A 91 -9.09 0.83 -17.00
N GLU A 92 -8.00 0.08 -16.87
CA GLU A 92 -7.39 -0.61 -18.00
C GLU A 92 -7.93 -2.02 -18.20
N ILE A 93 -8.94 -2.43 -17.43
CA ILE A 93 -9.39 -3.80 -17.39
C ILE A 93 -10.74 -3.86 -18.10
N LYS A 94 -10.85 -4.71 -19.12
CA LYS A 94 -12.11 -4.86 -19.85
C LYS A 94 -12.19 -6.29 -20.34
N HIS A 95 -13.09 -7.07 -19.75
CA HIS A 95 -13.28 -8.47 -20.10
C HIS A 95 -14.66 -8.88 -19.60
N PRO A 96 -15.41 -9.69 -20.34
CA PRO A 96 -16.78 -10.02 -19.90
C PRO A 96 -16.85 -10.75 -18.56
N ASN A 97 -15.76 -11.36 -18.10
CA ASN A 97 -15.76 -12.10 -16.84
C ASN A 97 -14.88 -11.45 -15.77
N LEU A 98 -14.64 -10.15 -15.88
CA LEU A 98 -13.98 -9.37 -14.83
C LEU A 98 -14.91 -8.21 -14.46
N VAL A 99 -15.08 -7.99 -13.16
CA VAL A 99 -16.00 -6.96 -12.68
C VAL A 99 -15.68 -5.63 -13.34
N GLN A 100 -16.69 -5.03 -13.97
CA GLN A 100 -16.49 -3.85 -14.79
C GLN A 100 -16.53 -2.60 -13.93
N LEU A 101 -15.50 -1.77 -14.07
CA LEU A 101 -15.50 -0.47 -13.44
C LEU A 101 -16.46 0.47 -14.17
N LEU A 102 -17.21 1.27 -13.40
CA LEU A 102 -18.13 2.22 -14.00
C LEU A 102 -17.80 3.68 -13.71
N GLY A 103 -17.13 3.99 -12.60
CA GLY A 103 -16.79 5.36 -12.30
C GLY A 103 -16.00 5.42 -11.01
N VAL A 104 -15.44 6.61 -10.76
CA VAL A 104 -14.59 6.86 -9.60
C VAL A 104 -14.83 8.28 -9.13
N CYS A 105 -14.64 8.50 -7.82
CA CYS A 105 -14.69 9.81 -7.20
C CYS A 105 -13.36 9.97 -6.48
N THR A 106 -12.34 10.45 -7.21
CA THR A 106 -10.99 10.53 -6.69
C THR A 106 -10.49 11.94 -6.41
N ARG A 107 -11.26 12.98 -6.75
CA ARG A 107 -10.76 14.34 -6.57
C ARG A 107 -10.76 14.72 -5.09
N GLU A 108 -11.87 14.51 -4.38
CA GLU A 108 -11.94 14.87 -2.99
C GLU A 108 -12.50 13.71 -2.16
N PRO A 109 -12.04 13.57 -0.92
CA PRO A 109 -12.61 12.54 -0.05
C PRO A 109 -14.06 12.85 0.28
N PRO A 110 -14.86 11.83 0.62
CA PRO A 110 -14.48 10.41 0.61
C PRO A 110 -14.39 9.86 -0.82
N PHE A 111 -13.49 8.93 -1.05
CA PHE A 111 -13.25 8.40 -2.39
C PHE A 111 -14.16 7.20 -2.67
N TYR A 112 -14.63 7.12 -3.91
CA TYR A 112 -15.52 6.08 -4.37
C TYR A 112 -14.90 5.31 -5.52
N ILE A 113 -15.04 4.00 -5.50
CA ILE A 113 -14.83 3.15 -6.67
C ILE A 113 -16.18 2.49 -6.98
N ILE A 114 -16.70 2.76 -8.16
CA ILE A 114 -18.05 2.34 -8.53
C ILE A 114 -17.93 1.29 -9.63
N THR A 115 -18.51 0.11 -9.39
CA THR A 115 -18.50 -0.99 -10.33
C THR A 115 -19.93 -1.50 -10.52
N GLU A 116 -20.10 -2.37 -11.50
CA GLU A 116 -21.38 -3.02 -11.71
C GLU A 116 -21.72 -3.89 -10.51
N PHE A 117 -23.01 -4.14 -10.32
CA PHE A 117 -23.52 -4.92 -9.22
C PHE A 117 -23.93 -6.31 -9.73
N MET A 118 -23.37 -7.34 -9.12
CA MET A 118 -23.67 -8.72 -9.48
C MET A 118 -24.79 -9.23 -8.58
N THR A 119 -25.92 -9.61 -9.19
CA THR A 119 -27.17 -9.75 -8.45
C THR A 119 -27.11 -10.87 -7.42
N TYR A 120 -26.42 -11.96 -7.72
CA TYR A 120 -26.51 -13.16 -6.90
C TYR A 120 -25.38 -13.28 -5.88
N GLY A 121 -24.60 -12.22 -5.65
CA GLY A 121 -23.58 -12.26 -4.63
C GLY A 121 -22.38 -13.09 -5.05
N ASN A 122 -21.65 -13.60 -4.04
CA ASN A 122 -20.41 -14.30 -4.29
C ASN A 122 -20.66 -15.77 -4.62
N LEU A 123 -19.72 -16.35 -5.36
CA LEU A 123 -19.89 -17.70 -5.90
C LEU A 123 -19.94 -18.74 -4.78
N LEU A 124 -19.27 -18.49 -3.66
CA LEU A 124 -19.23 -19.47 -2.58
C LEU A 124 -20.62 -19.68 -1.97
N ASP A 125 -21.27 -18.60 -1.56
CA ASP A 125 -22.63 -18.71 -1.05
C ASP A 125 -23.58 -19.21 -2.12
N TYR A 126 -23.38 -18.79 -3.37
CA TYR A 126 -24.25 -19.22 -4.44
C TYR A 126 -24.21 -20.73 -4.62
N LEU A 127 -23.01 -21.32 -4.58
CA LEU A 127 -22.89 -22.76 -4.75
C LEU A 127 -23.50 -23.52 -3.57
N ARG A 128 -23.31 -23.01 -2.36
CA ARG A 128 -23.80 -23.73 -1.17
C ARG A 128 -25.32 -23.72 -1.09
N GLU A 129 -25.98 -22.70 -1.63
CA GLU A 129 -27.41 -22.53 -1.48
C GLU A 129 -28.21 -22.86 -2.74
N CYS A 130 -27.55 -23.29 -3.81
CA CYS A 130 -28.19 -23.39 -5.11
C CYS A 130 -29.01 -24.67 -5.24
N ASN A 131 -29.89 -24.67 -6.24
CA ASN A 131 -30.58 -25.87 -6.69
C ASN A 131 -29.63 -26.65 -7.61
N ARG A 132 -29.12 -27.78 -7.13
CA ARG A 132 -28.14 -28.53 -7.89
C ARG A 132 -28.73 -29.19 -9.13
N GLN A 133 -30.06 -29.33 -9.21
CA GLN A 133 -30.66 -29.78 -10.46
C GLN A 133 -30.53 -28.71 -11.54
N GLU A 134 -30.64 -27.43 -11.16
CA GLU A 134 -30.39 -26.34 -12.10
C GLU A 134 -28.90 -26.11 -12.28
N VAL A 135 -28.18 -25.89 -11.18
CA VAL A 135 -26.74 -25.71 -11.22
C VAL A 135 -26.09 -27.08 -11.23
N ASN A 136 -26.16 -27.78 -12.36
CA ASN A 136 -25.68 -29.14 -12.47
C ASN A 136 -24.26 -29.16 -13.06
N ALA A 137 -23.84 -30.33 -13.55
CA ALA A 137 -22.44 -30.51 -13.94
C ALA A 137 -22.06 -29.61 -15.10
N VAL A 138 -22.97 -29.42 -16.07
CA VAL A 138 -22.62 -28.59 -17.22
C VAL A 138 -22.54 -27.12 -16.82
N VAL A 139 -23.32 -26.70 -15.83
CA VAL A 139 -23.24 -25.31 -15.37
C VAL A 139 -21.91 -25.08 -14.63
N LEU A 140 -21.47 -26.07 -13.86
CA LEU A 140 -20.17 -25.96 -13.19
C LEU A 140 -19.04 -25.84 -14.21
N LEU A 141 -19.13 -26.62 -15.30
CA LEU A 141 -18.16 -26.48 -16.39
C LEU A 141 -18.21 -25.09 -17.00
N TYR A 142 -19.42 -24.57 -17.22
CA TYR A 142 -19.59 -23.23 -17.75
C TYR A 142 -18.93 -22.19 -16.85
N MET A 143 -19.13 -22.29 -15.54
CA MET A 143 -18.57 -21.32 -14.61
C MET A 143 -17.05 -21.41 -14.58
N ALA A 144 -16.50 -22.63 -14.64
CA ALA A 144 -15.05 -22.78 -14.65
C ALA A 144 -14.44 -22.23 -15.95
N THR A 145 -15.14 -22.42 -17.07
CA THR A 145 -14.66 -21.86 -18.33
C THR A 145 -14.63 -20.33 -18.29
N GLN A 146 -15.65 -19.72 -17.67
CA GLN A 146 -15.67 -18.26 -17.55
C GLN A 146 -14.51 -17.75 -16.71
N ILE A 147 -14.30 -18.36 -15.54
CA ILE A 147 -13.25 -17.90 -14.64
C ILE A 147 -11.89 -18.05 -15.30
N SER A 148 -11.65 -19.18 -16.00
CA SER A 148 -10.37 -19.38 -16.66
C SER A 148 -10.20 -18.41 -17.83
N SER A 149 -11.30 -17.97 -18.44
CA SER A 149 -11.22 -16.96 -19.48
C SER A 149 -10.75 -15.62 -18.92
N ALA A 150 -11.29 -15.22 -17.76
CA ALA A 150 -10.82 -14.00 -17.12
C ALA A 150 -9.35 -14.09 -16.74
N MET A 151 -8.93 -15.25 -16.22
CA MET A 151 -7.54 -15.41 -15.80
C MET A 151 -6.60 -15.50 -17.00
N GLU A 152 -7.07 -16.05 -18.12
CA GLU A 152 -6.27 -16.02 -19.35
C GLU A 152 -6.04 -14.58 -19.81
N TYR A 153 -7.08 -13.74 -19.70
CA TYR A 153 -6.94 -12.33 -20.05
C TYR A 153 -5.93 -11.63 -19.15
N LEU A 154 -6.01 -11.85 -17.84
CA LEU A 154 -5.05 -11.24 -16.92
C LEU A 154 -3.64 -11.74 -17.19
N GLU A 155 -3.50 -13.06 -17.41
CA GLU A 155 -2.21 -13.62 -17.78
C GLU A 155 -1.61 -12.90 -18.99
N LYS A 156 -2.44 -12.64 -20.01
CA LYS A 156 -1.97 -12.03 -21.24
C LYS A 156 -1.69 -10.55 -21.08
N LYS A 157 -2.37 -9.89 -20.12
CA LYS A 157 -2.18 -8.46 -19.87
C LYS A 157 -1.18 -8.18 -18.77
N ASN A 158 -0.41 -9.18 -18.34
CA ASN A 158 0.66 -9.01 -17.36
C ASN A 158 0.13 -8.54 -16.00
N PHE A 159 -0.98 -9.12 -15.56
CA PHE A 159 -1.51 -8.89 -14.23
C PHE A 159 -1.51 -10.20 -13.45
N ILE A 160 -1.51 -10.07 -12.12
CA ILE A 160 -1.76 -11.21 -11.24
C ILE A 160 -2.87 -10.82 -10.25
N HIS A 161 -3.57 -11.82 -9.74
CA HIS A 161 -4.73 -11.58 -8.88
C HIS A 161 -4.39 -11.69 -7.41
N ARG A 162 -3.76 -12.79 -6.99
CA ARG A 162 -3.20 -13.01 -5.65
C ARG A 162 -4.24 -13.46 -4.63
N ASP A 163 -5.53 -13.47 -4.95
CA ASP A 163 -6.55 -13.94 -4.01
C ASP A 163 -7.69 -14.57 -4.79
N LEU A 164 -7.36 -15.54 -5.63
CA LEU A 164 -8.35 -16.29 -6.39
C LEU A 164 -9.02 -17.30 -5.47
N ALA A 165 -10.34 -17.22 -5.34
CA ALA A 165 -11.12 -18.12 -4.51
C ALA A 165 -12.60 -17.88 -4.83
N ALA A 166 -13.44 -18.84 -4.43
CA ALA A 166 -14.86 -18.73 -4.72
C ALA A 166 -15.48 -17.50 -4.07
N ARG A 167 -15.01 -17.15 -2.87
CA ARG A 167 -15.54 -15.98 -2.17
C ARG A 167 -15.26 -14.69 -2.93
N ASN A 168 -14.30 -14.70 -3.86
CA ASN A 168 -13.94 -13.52 -4.62
C ASN A 168 -14.39 -13.60 -6.08
N CYS A 169 -15.31 -14.50 -6.38
CA CYS A 169 -16.01 -14.53 -7.65
C CYS A 169 -17.46 -14.13 -7.42
N LEU A 170 -18.07 -13.48 -8.40
CA LEU A 170 -19.43 -12.96 -8.27
C LEU A 170 -20.31 -13.56 -9.35
N VAL A 171 -21.60 -13.73 -9.03
CA VAL A 171 -22.54 -14.41 -9.89
C VAL A 171 -23.64 -13.45 -10.30
N GLY A 172 -23.94 -13.40 -11.59
CA GLY A 172 -25.06 -12.67 -12.12
C GLY A 172 -26.14 -13.59 -12.67
N GLU A 173 -27.04 -13.01 -13.46
CA GLU A 173 -28.12 -13.78 -14.04
C GLU A 173 -27.60 -14.81 -15.03
N ASN A 174 -28.29 -15.94 -15.09
CA ASN A 174 -27.98 -17.03 -16.03
C ASN A 174 -26.57 -17.56 -15.83
N HIS A 175 -26.16 -17.69 -14.57
CA HIS A 175 -24.90 -18.32 -14.20
C HIS A 175 -23.70 -17.58 -14.79
N LEU A 176 -23.85 -16.27 -15.03
CA LEU A 176 -22.72 -15.45 -15.39
C LEU A 176 -21.80 -15.28 -14.18
N VAL A 177 -20.50 -15.50 -14.38
CA VAL A 177 -19.53 -15.40 -13.29
C VAL A 177 -18.47 -14.39 -13.69
N LYS A 178 -18.13 -13.50 -12.76
CA LYS A 178 -17.07 -12.52 -12.94
C LYS A 178 -16.13 -12.60 -11.75
N VAL A 179 -14.83 -12.47 -12.04
CA VAL A 179 -13.81 -12.47 -11.00
C VAL A 179 -13.66 -11.04 -10.48
N ALA A 180 -13.60 -10.89 -9.17
CA ALA A 180 -13.31 -9.58 -8.60
C ALA A 180 -11.88 -9.19 -8.91
N ASP A 181 -11.69 -7.94 -9.31
CA ASP A 181 -10.41 -7.44 -9.83
C ASP A 181 -9.97 -6.20 -9.08
N PHE A 182 -10.04 -6.25 -7.75
CA PHE A 182 -9.71 -5.10 -6.92
C PHE A 182 -8.34 -5.21 -6.27
N GLY A 183 -7.73 -6.39 -6.25
CA GLY A 183 -6.40 -6.53 -5.70
C GLY A 183 -5.36 -6.85 -6.75
N LEU A 184 -5.60 -6.42 -7.99
CA LEU A 184 -4.68 -6.73 -9.07
C LEU A 184 -3.37 -5.98 -8.89
N SER A 185 -2.28 -6.62 -9.31
CA SER A 185 -0.95 -6.05 -9.28
C SER A 185 -0.30 -6.24 -10.64
N ARG A 186 0.49 -5.26 -11.07
CA ARG A 186 1.21 -5.38 -12.33
C ARG A 186 2.44 -6.24 -12.12
N LEU A 187 2.66 -7.17 -13.05
CA LEU A 187 3.78 -8.10 -12.99
C LEU A 187 3.95 -8.71 -14.36
N MET A 188 5.09 -8.45 -15.00
CA MET A 188 5.31 -8.97 -16.35
C MET A 188 5.30 -10.50 -16.31
N THR A 189 4.38 -11.09 -17.07
CA THR A 189 4.15 -12.53 -17.02
C THR A 189 5.45 -13.32 -17.16
N GLY A 190 5.78 -14.06 -16.11
CA GLY A 190 7.05 -14.74 -16.00
C GLY A 190 7.95 -14.22 -14.90
N ASP A 191 7.61 -13.09 -14.29
CA ASP A 191 8.36 -12.55 -13.18
C ASP A 191 7.69 -12.90 -11.86
N THR A 192 8.37 -12.57 -10.77
CA THR A 192 7.93 -12.92 -9.43
C THR A 192 7.72 -11.67 -8.58
N TYR A 193 6.62 -11.66 -7.83
CA TYR A 193 6.32 -10.60 -6.88
C TYR A 193 6.51 -11.15 -5.46
N THR A 194 7.22 -10.39 -4.63
CA THR A 194 7.52 -10.80 -3.27
C THR A 194 6.63 -10.00 -2.32
N ALA A 195 5.72 -10.69 -1.64
CA ALA A 195 4.81 -10.01 -0.73
C ALA A 195 5.57 -9.41 0.44
N HIS A 196 4.96 -8.38 1.04
CA HIS A 196 5.60 -7.67 2.14
C HIS A 196 5.83 -8.60 3.33
N ALA A 197 6.91 -8.33 4.07
CA ALA A 197 7.23 -9.11 5.26
C ALA A 197 6.10 -9.04 6.27
N GLY A 198 5.76 -10.19 6.84
CA GLY A 198 4.67 -10.27 7.79
C GLY A 198 3.30 -10.38 7.17
N ALA A 199 3.22 -10.57 5.86
CA ALA A 199 1.92 -10.73 5.20
C ALA A 199 1.30 -12.06 5.59
N LYS A 200 -0.02 -12.06 5.74
CA LYS A 200 -0.77 -13.26 6.10
C LYS A 200 -1.63 -13.67 4.91
N PHE A 201 -1.61 -14.96 4.59
CA PHE A 201 -2.26 -15.44 3.38
C PHE A 201 -3.37 -16.42 3.71
N PRO A 202 -4.42 -16.50 2.87
CA PRO A 202 -5.35 -17.63 2.97
C PRO A 202 -4.59 -18.92 2.70
N ILE A 203 -4.22 -19.63 3.77
CA ILE A 203 -3.25 -20.70 3.66
C ILE A 203 -3.71 -21.77 2.68
N LYS A 204 -4.97 -22.19 2.78
CA LYS A 204 -5.44 -23.33 2.00
C LYS A 204 -5.61 -23.02 0.51
N TRP A 205 -5.48 -21.75 0.11
CA TRP A 205 -5.51 -21.36 -1.29
C TRP A 205 -4.12 -20.99 -1.81
N THR A 206 -3.10 -20.99 -0.97
CA THR A 206 -1.83 -20.34 -1.26
C THR A 206 -0.80 -21.35 -1.77
N ALA A 207 -0.12 -20.99 -2.85
CA ALA A 207 0.89 -21.85 -3.45
C ALA A 207 2.07 -22.05 -2.51
N PRO A 208 2.79 -23.17 -2.65
CA PRO A 208 3.90 -23.44 -1.71
C PRO A 208 5.00 -22.40 -1.74
N GLU A 209 5.41 -21.94 -2.92
CA GLU A 209 6.44 -20.91 -3.00
C GLU A 209 6.00 -19.63 -2.31
N SER A 210 4.68 -19.37 -2.25
CA SER A 210 4.19 -18.18 -1.58
C SER A 210 4.14 -18.38 -0.06
N LEU A 211 3.77 -19.58 0.39
CA LEU A 211 3.77 -19.84 1.82
C LEU A 211 5.18 -19.79 2.40
N ALA A 212 6.15 -20.33 1.68
CA ALA A 212 7.51 -20.45 2.21
C ALA A 212 8.34 -19.18 1.98
N TYR A 213 8.17 -18.51 0.85
CA TYR A 213 9.06 -17.41 0.47
C TYR A 213 8.34 -16.12 0.12
N ASN A 214 7.02 -16.06 0.31
CA ASN A 214 6.20 -14.88 -0.03
C ASN A 214 6.31 -14.52 -1.51
N LYS A 215 6.63 -15.48 -2.37
CA LYS A 215 6.76 -15.21 -3.80
C LYS A 215 5.46 -15.55 -4.52
N PHE A 216 4.97 -14.60 -5.31
CA PHE A 216 3.76 -14.77 -6.09
C PHE A 216 4.05 -14.57 -7.58
N SER A 217 3.36 -15.33 -8.41
CA SER A 217 3.44 -15.19 -9.85
C SER A 217 2.10 -15.63 -10.44
N ILE A 218 2.00 -15.55 -11.77
CA ILE A 218 0.81 -16.06 -12.45
C ILE A 218 0.65 -17.55 -12.19
N LYS A 219 1.77 -18.25 -11.93
CA LYS A 219 1.70 -19.68 -11.62
C LYS A 219 1.10 -19.93 -10.24
N SER A 220 1.30 -19.01 -9.29
CA SER A 220 0.63 -19.15 -8.00
C SER A 220 -0.86 -18.82 -8.13
N ASP A 221 -1.24 -18.01 -9.12
CA ASP A 221 -2.66 -17.84 -9.42
C ASP A 221 -3.24 -19.13 -9.97
N VAL A 222 -2.44 -19.88 -10.75
CA VAL A 222 -2.89 -21.17 -11.26
C VAL A 222 -3.12 -22.15 -10.12
N TRP A 223 -2.24 -22.14 -9.13
CA TRP A 223 -2.45 -23.00 -7.95
C TRP A 223 -3.77 -22.68 -7.27
N ALA A 224 -4.03 -21.40 -7.02
CA ALA A 224 -5.28 -21.00 -6.38
C ALA A 224 -6.48 -21.37 -7.23
N PHE A 225 -6.35 -21.27 -8.56
CA PHE A 225 -7.44 -21.66 -9.44
C PHE A 225 -7.79 -23.14 -9.27
N GLY A 226 -6.77 -23.99 -9.07
CA GLY A 226 -7.05 -25.38 -8.81
C GLY A 226 -7.88 -25.58 -7.55
N VAL A 227 -7.55 -24.84 -6.49
CA VAL A 227 -8.37 -24.87 -5.28
C VAL A 227 -9.75 -24.31 -5.58
N LEU A 228 -9.83 -23.22 -6.35
CA LEU A 228 -11.12 -22.70 -6.77
C LEU A 228 -11.91 -23.76 -7.54
N LEU A 229 -11.23 -24.51 -8.41
CA LEU A 229 -11.87 -25.62 -9.11
C LEU A 229 -12.46 -26.62 -8.13
N TRP A 230 -11.71 -26.93 -7.06
CA TRP A 230 -12.19 -27.88 -6.05
C TRP A 230 -13.41 -27.32 -5.33
N GLU A 231 -13.41 -26.04 -5.01
CA GLU A 231 -14.60 -25.42 -4.42
C GLU A 231 -15.81 -25.57 -5.33
N ILE A 232 -15.62 -25.38 -6.64
CA ILE A 232 -16.74 -25.46 -7.57
C ILE A 232 -17.28 -26.89 -7.65
N ALA A 233 -16.38 -27.87 -7.75
CA ALA A 233 -16.80 -29.27 -7.87
C ALA A 233 -17.47 -29.78 -6.60
N THR A 234 -17.26 -29.14 -5.46
CA THR A 234 -17.86 -29.57 -4.20
C THR A 234 -19.03 -28.70 -3.78
N TYR A 235 -19.44 -27.75 -4.62
CA TYR A 235 -20.52 -26.82 -4.29
C TYR A 235 -20.22 -26.04 -3.01
N GLY A 236 -18.97 -25.63 -2.85
CA GLY A 236 -18.60 -24.72 -1.79
C GLY A 236 -18.07 -25.35 -0.52
N MET A 237 -17.52 -26.57 -0.58
CA MET A 237 -16.92 -27.16 0.61
C MET A 237 -15.61 -26.45 0.94
N SER A 238 -15.28 -26.43 2.22
CA SER A 238 -14.01 -25.86 2.63
C SER A 238 -12.89 -26.81 2.21
N PRO A 239 -11.80 -26.30 1.62
CA PRO A 239 -10.72 -27.19 1.19
C PRO A 239 -9.93 -27.72 2.38
N TYR A 240 -9.25 -28.84 2.14
CA TYR A 240 -8.54 -29.61 3.16
C TYR A 240 -9.39 -29.69 4.44
N PRO A 241 -10.58 -30.27 4.37
CA PRO A 241 -11.48 -30.22 5.53
C PRO A 241 -10.86 -30.89 6.75
N GLY A 242 -10.93 -30.19 7.89
CA GLY A 242 -10.42 -30.69 9.14
C GLY A 242 -8.91 -30.65 9.29
N ILE A 243 -8.17 -30.40 8.22
CA ILE A 243 -6.72 -30.39 8.30
C ILE A 243 -6.25 -29.11 8.98
N ASP A 244 -5.28 -29.26 9.88
CA ASP A 244 -4.75 -28.12 10.62
C ASP A 244 -3.95 -27.21 9.69
N LEU A 245 -4.24 -25.91 9.74
CA LEU A 245 -3.57 -24.95 8.88
C LEU A 245 -2.06 -24.97 9.05
N SER A 246 -1.57 -25.24 10.27
CA SER A 246 -0.13 -25.26 10.51
C SER A 246 0.57 -26.34 9.70
N GLN A 247 -0.15 -27.41 9.35
CA GLN A 247 0.46 -28.56 8.70
C GLN A 247 0.22 -28.61 7.19
N VAL A 248 -0.51 -27.64 6.62
CA VAL A 248 -0.82 -27.67 5.20
C VAL A 248 0.46 -27.68 4.37
N TYR A 249 1.36 -26.75 4.65
CA TYR A 249 2.58 -26.64 3.86
C TYR A 249 3.42 -27.93 3.95
N GLU A 250 3.51 -28.52 5.13
CA GLU A 250 4.33 -29.71 5.28
C GLU A 250 3.68 -30.91 4.60
N LEU A 251 2.34 -30.96 4.58
CA LEU A 251 1.63 -31.95 3.77
C LEU A 251 1.93 -31.76 2.29
N LEU A 252 1.87 -30.52 1.80
CA LEU A 252 2.13 -30.27 0.38
C LEU A 252 3.55 -30.65 0.00
N GLU A 253 4.51 -30.51 0.92
CA GLU A 253 5.89 -30.86 0.62
C GLU A 253 6.04 -32.34 0.30
N LYS A 254 5.23 -33.19 0.93
CA LYS A 254 5.29 -34.63 0.73
C LYS A 254 4.28 -35.10 -0.31
N ASP A 255 3.90 -34.22 -1.24
CA ASP A 255 3.03 -34.54 -2.36
C ASP A 255 1.65 -34.99 -1.89
N TYR A 256 1.18 -34.47 -0.76
CA TYR A 256 -0.23 -34.63 -0.41
C TYR A 256 -1.04 -33.60 -1.17
N ARG A 257 -2.16 -34.05 -1.73
CA ARG A 257 -3.08 -33.19 -2.45
C ARG A 257 -4.50 -33.62 -2.10
N MET A 258 -5.43 -32.68 -2.22
CA MET A 258 -6.83 -33.01 -1.98
C MET A 258 -7.30 -34.09 -2.94
N GLU A 259 -8.23 -34.91 -2.47
CA GLU A 259 -8.77 -36.03 -3.19
C GLU A 259 -9.81 -35.56 -4.21
N ARG A 260 -10.06 -36.41 -5.19
CA ARG A 260 -11.05 -36.10 -6.20
C ARG A 260 -12.43 -36.07 -5.54
N PRO A 261 -13.19 -34.98 -5.69
CA PRO A 261 -14.53 -34.92 -5.08
C PRO A 261 -15.48 -35.91 -5.72
N GLU A 262 -16.51 -36.27 -4.97
CA GLU A 262 -17.54 -37.17 -5.46
C GLU A 262 -18.21 -36.58 -6.70
N GLY A 263 -18.32 -37.38 -7.75
CA GLY A 263 -18.93 -36.95 -8.98
C GLY A 263 -18.06 -36.09 -9.87
N CYS A 264 -16.85 -35.78 -9.45
CA CYS A 264 -15.97 -34.95 -10.27
C CYS A 264 -15.35 -35.80 -11.39
N PRO A 265 -15.48 -35.38 -12.64
CA PRO A 265 -14.85 -36.13 -13.74
C PRO A 265 -13.34 -36.19 -13.56
N GLU A 266 -12.76 -37.33 -13.96
CA GLU A 266 -11.32 -37.53 -13.79
C GLU A 266 -10.52 -36.50 -14.57
N LYS A 267 -10.98 -36.13 -15.77
CA LYS A 267 -10.27 -35.12 -16.56
C LYS A 267 -10.25 -33.78 -15.85
N VAL A 268 -11.34 -33.43 -15.15
CA VAL A 268 -11.34 -32.19 -14.38
C VAL A 268 -10.40 -32.32 -13.18
N TYR A 269 -10.39 -33.49 -12.54
CA TYR A 269 -9.50 -33.69 -11.40
C TYR A 269 -8.04 -33.68 -11.81
N GLU A 270 -7.73 -34.17 -13.03
CA GLU A 270 -6.35 -34.12 -13.49
C GLU A 270 -5.94 -32.70 -13.86
N LEU A 271 -6.90 -31.86 -14.23
CA LEU A 271 -6.60 -30.44 -14.42
C LEU A 271 -6.32 -29.78 -13.08
N MET A 272 -7.06 -30.19 -12.04
CA MET A 272 -6.76 -29.76 -10.68
C MET A 272 -5.34 -30.09 -10.29
N ARG A 273 -4.96 -31.36 -10.45
CA ARG A 273 -3.64 -31.83 -10.02
C ARG A 273 -2.51 -31.15 -10.78
N ALA A 274 -2.74 -30.82 -12.06
CA ALA A 274 -1.73 -30.09 -12.81
C ALA A 274 -1.53 -28.70 -12.24
N CYS A 275 -2.62 -28.05 -11.82
CA CYS A 275 -2.50 -26.76 -11.14
C CYS A 275 -1.75 -26.84 -9.83
N TRP A 276 -1.71 -28.02 -9.20
CA TRP A 276 -1.09 -28.20 -7.90
C TRP A 276 0.30 -28.85 -8.00
N GLN A 277 0.95 -28.76 -9.16
CA GLN A 277 2.33 -29.22 -9.28
C GLN A 277 3.22 -28.39 -8.36
N TRP A 278 4.21 -29.05 -7.75
CA TRP A 278 5.07 -28.35 -6.80
C TRP A 278 5.86 -27.24 -7.49
N ASN A 279 6.48 -27.55 -8.61
CA ASN A 279 7.25 -26.57 -9.36
C ASN A 279 6.32 -25.66 -10.14
N PRO A 280 6.36 -24.34 -9.93
CA PRO A 280 5.43 -23.45 -10.66
C PRO A 280 5.53 -23.57 -12.18
N SER A 281 6.74 -23.77 -12.72
CA SER A 281 6.89 -23.87 -14.17
C SER A 281 6.22 -25.10 -14.75
N ASP A 282 5.88 -26.09 -13.93
CA ASP A 282 5.20 -27.29 -14.40
C ASP A 282 3.68 -27.13 -14.44
N ARG A 283 3.14 -26.07 -13.84
CA ARG A 283 1.71 -25.84 -13.88
C ARG A 283 1.31 -25.29 -15.25
N PRO A 284 0.14 -25.65 -15.74
CA PRO A 284 -0.30 -25.16 -17.05
C PRO A 284 -0.57 -23.66 -17.01
N SER A 285 -0.55 -23.06 -18.19
CA SER A 285 -0.94 -21.67 -18.32
C SER A 285 -2.46 -21.56 -18.33
N PHE A 286 -2.96 -20.37 -18.01
CA PHE A 286 -4.39 -20.14 -18.07
C PHE A 286 -4.92 -20.26 -19.50
N ALA A 287 -4.07 -19.96 -20.48
CA ALA A 287 -4.46 -20.19 -21.88
C ALA A 287 -4.74 -21.66 -22.13
N GLU A 288 -3.85 -22.55 -21.68
CA GLU A 288 -4.08 -23.97 -21.84
C GLU A 288 -5.28 -24.44 -21.02
N ILE A 289 -5.42 -23.91 -19.80
CA ILE A 289 -6.54 -24.29 -18.94
C ILE A 289 -7.86 -23.92 -19.61
N HIS A 290 -7.96 -22.68 -20.11
CA HIS A 290 -9.19 -22.24 -20.75
C HIS A 290 -9.48 -23.05 -22.01
N GLN A 291 -8.45 -23.35 -22.79
CA GLN A 291 -8.63 -24.19 -23.97
C GLN A 291 -9.18 -25.56 -23.60
N ALA A 292 -8.65 -26.15 -22.52
CA ALA A 292 -9.13 -27.47 -22.08
C ALA A 292 -10.58 -27.39 -21.62
N PHE A 293 -10.95 -26.33 -20.90
CA PHE A 293 -12.33 -26.21 -20.44
C PHE A 293 -13.27 -25.87 -21.58
N GLU A 294 -12.81 -25.03 -22.53
CA GLU A 294 -13.64 -24.71 -23.68
C GLU A 294 -13.97 -25.96 -24.48
N THR A 295 -12.98 -26.85 -24.66
CA THR A 295 -13.22 -28.10 -25.37
C THR A 295 -14.23 -28.97 -24.63
N MET A 296 -14.05 -29.14 -23.32
CA MET A 296 -14.98 -29.93 -22.53
C MET A 296 -16.38 -29.33 -22.54
N PHE A 297 -16.49 -28.00 -22.43
CA PHE A 297 -17.80 -27.37 -22.39
C PHE A 297 -18.54 -27.55 -23.70
N GLN A 298 -17.84 -27.41 -24.82
CA GLN A 298 -18.48 -27.58 -26.12
C GLN A 298 -18.91 -29.03 -26.35
N GLU A 299 -18.20 -29.99 -25.76
CA GLU A 299 -18.53 -31.41 -25.93
C GLU A 299 -19.64 -31.87 -25.00
N SER A 300 -20.25 -30.97 -24.23
CA SER A 300 -21.32 -31.36 -23.32
C SER A 300 -22.64 -30.71 -23.72
N ASP B 33 -6.43 20.34 28.19
CA ASP B 33 -7.40 20.07 27.14
C ASP B 33 -7.67 18.58 27.03
N LYS B 34 -8.19 18.16 25.87
CA LYS B 34 -8.46 16.74 25.63
C LYS B 34 -7.18 15.96 25.37
N TRP B 35 -6.08 16.63 25.02
CA TRP B 35 -4.83 15.94 24.78
C TRP B 35 -4.08 15.65 26.08
N GLU B 36 -4.33 16.42 27.13
CA GLU B 36 -3.66 16.19 28.39
C GLU B 36 -3.93 14.78 28.86
N MET B 37 -2.95 14.17 29.52
CA MET B 37 -3.02 12.74 29.78
C MET B 37 -2.36 12.45 31.11
N GLU B 38 -2.78 11.33 31.71
CA GLU B 38 -2.32 10.97 33.04
C GLU B 38 -1.06 10.13 32.92
N ARG B 39 -0.01 10.55 33.63
CA ARG B 39 1.28 9.90 33.52
C ARG B 39 1.25 8.48 34.06
N THR B 40 0.37 8.22 35.02
CA THR B 40 0.20 6.88 35.58
C THR B 40 -0.08 5.83 34.51
N ASP B 41 -0.74 6.22 33.42
CA ASP B 41 -1.19 5.27 32.41
C ASP B 41 -0.08 4.71 31.52
N ILE B 42 1.15 5.22 31.60
CA ILE B 42 2.21 4.84 30.67
C ILE B 42 3.38 4.27 31.45
N THR B 43 3.93 3.16 30.94
CA THR B 43 5.11 2.52 31.50
C THR B 43 6.28 2.71 30.54
N MET B 44 7.32 3.41 31.00
CA MET B 44 8.48 3.65 30.17
C MET B 44 9.29 2.37 29.98
N LYS B 45 9.92 2.25 28.81
CA LYS B 45 10.86 1.16 28.56
C LYS B 45 12.14 1.68 27.90
N HIS B 46 12.73 0.86 27.02
CA HIS B 46 14.04 1.18 26.46
C HIS B 46 13.99 2.42 25.58
N LYS B 47 15.07 3.21 25.63
CA LYS B 47 15.26 4.29 24.67
C LYS B 47 15.43 3.71 23.27
N LEU B 48 14.79 4.33 22.29
CA LEU B 48 14.74 3.80 20.93
C LEU B 48 15.71 4.56 20.03
N GLY B 49 15.88 4.01 18.82
CA GLY B 49 16.70 4.62 17.79
C GLY B 49 18.17 4.79 18.13
N GLY B 50 18.68 4.03 19.10
CA GLY B 50 20.08 4.14 19.44
C GLY B 50 20.51 5.46 20.06
N GLY B 51 19.55 6.29 20.48
CA GLY B 51 19.85 7.60 21.03
C GLY B 51 19.94 8.73 20.03
N GLN B 52 19.86 8.44 18.73
CA GLN B 52 20.03 9.47 17.72
C GLN B 52 18.91 10.50 17.72
N TYR B 53 17.78 10.22 18.37
CA TYR B 53 16.65 11.14 18.40
C TYR B 53 16.51 11.86 19.74
N GLY B 54 17.48 11.72 20.64
CA GLY B 54 17.39 12.34 21.94
C GLY B 54 16.65 11.49 22.95
N GLU B 55 15.85 12.14 23.80
CA GLU B 55 15.14 11.45 24.88
C GLU B 55 13.77 11.03 24.38
N VAL B 56 13.75 9.96 23.60
CA VAL B 56 12.55 9.35 23.08
C VAL B 56 12.58 7.87 23.46
N TYR B 57 11.49 7.39 24.06
CA TYR B 57 11.48 6.04 24.62
C TYR B 57 10.31 5.24 24.07
N GLU B 58 10.52 3.93 23.95
CA GLU B 58 9.42 3.02 23.73
C GLU B 58 8.60 2.88 25.01
N GLY B 59 7.29 3.03 24.91
CA GLY B 59 6.44 2.95 26.07
C GLY B 59 5.19 2.13 25.77
N VAL B 60 4.51 1.73 26.84
CA VAL B 60 3.28 0.97 26.75
C VAL B 60 2.15 1.76 27.41
N TRP B 61 1.09 2.00 26.66
CA TRP B 61 -0.15 2.53 27.23
C TRP B 61 -0.99 1.32 27.67
N LYS B 62 -0.90 0.99 28.96
CA LYS B 62 -1.49 -0.26 29.45
C LYS B 62 -3.00 -0.28 29.28
N LYS B 63 -3.66 0.88 29.39
CA LYS B 63 -5.11 0.93 29.24
C LYS B 63 -5.55 0.27 27.94
N TYR B 64 -4.84 0.53 26.85
CA TYR B 64 -5.15 -0.05 25.55
C TYR B 64 -4.09 -1.04 25.08
N SER B 65 -3.20 -1.45 25.97
CA SER B 65 -2.13 -2.41 25.66
C SER B 65 -1.38 -2.01 24.39
N LEU B 66 -1.14 -0.71 24.24
CA LEU B 66 -0.62 -0.14 23.01
C LEU B 66 0.83 0.30 23.20
N THR B 67 1.71 -0.19 22.34
CA THR B 67 3.09 0.28 22.32
C THR B 67 3.14 1.66 21.68
N VAL B 68 3.77 2.62 22.37
CA VAL B 68 3.82 4.00 21.93
C VAL B 68 5.25 4.51 22.02
N ALA B 69 5.48 5.67 21.42
CA ALA B 69 6.74 6.39 21.54
C ALA B 69 6.54 7.59 22.46
N VAL B 70 7.37 7.71 23.48
CA VAL B 70 7.24 8.79 24.45
C VAL B 70 8.51 9.63 24.49
N LYS B 71 8.03 10.94 24.21
CA LYS B 71 9.20 11.70 24.35
C LYS B 71 8.99 12.79 25.44
N THR B 72 10.34 12.68 25.91
CA THR B 72 10.33 13.37 27.20
C THR B 72 11.33 14.53 27.23
N LEU B 73 11.27 15.32 28.29
CA LEU B 73 12.12 16.49 28.48
C LEU B 73 13.00 16.29 29.70
N LYS B 74 14.32 16.44 29.50
CA LYS B 74 15.28 16.25 30.57
C LYS B 74 15.09 17.24 31.72
N GLU B 75 15.92 17.12 32.75
CA GLU B 75 15.81 17.97 33.94
C GLU B 75 15.91 19.46 33.59
N THR B 77 16.84 22.54 32.12
CA THR B 77 16.34 22.47 30.74
C THR B 77 15.67 23.78 30.34
N MET B 78 16.42 24.65 29.67
CA MET B 78 15.87 25.93 29.25
C MET B 78 14.89 25.79 28.09
N GLU B 79 15.03 24.73 27.30
CA GLU B 79 14.21 24.51 26.11
C GLU B 79 12.78 24.06 26.41
N VAL B 80 12.18 24.52 27.51
CA VAL B 80 10.83 24.07 27.84
C VAL B 80 9.81 24.70 26.90
N GLU B 81 10.00 25.98 26.56
CA GLU B 81 9.01 26.67 25.74
C GLU B 81 8.99 26.14 24.31
N GLU B 82 10.15 25.74 23.78
CA GLU B 82 10.19 25.10 22.48
C GLU B 82 9.52 23.72 22.52
N PHE B 83 9.72 22.99 23.61
CA PHE B 83 9.07 21.69 23.78
C PHE B 83 7.55 21.84 23.75
N LEU B 84 7.02 22.82 24.48
CA LEU B 84 5.58 23.02 24.51
C LEU B 84 5.06 23.54 23.18
N LYS B 85 5.87 24.34 22.49
CA LYS B 85 5.48 24.83 21.17
C LYS B 85 5.29 23.69 20.18
N GLU B 86 6.22 22.73 20.15
CA GLU B 86 6.10 21.62 19.21
C GLU B 86 4.98 20.66 19.58
N ALA B 87 4.61 20.59 20.86
CA ALA B 87 3.46 19.77 21.24
C ALA B 87 2.16 20.39 20.76
N ALA B 88 2.02 21.71 20.89
CA ALA B 88 0.81 22.39 20.45
C ALA B 88 0.63 22.30 18.94
N VAL B 89 1.74 22.31 18.19
CA VAL B 89 1.65 22.20 16.73
C VAL B 89 1.08 20.85 16.34
N MET B 90 1.50 19.78 17.01
CA MET B 90 1.06 18.44 16.67
C MET B 90 -0.43 18.23 16.95
N LYS B 91 -1.02 19.05 17.83
CA LYS B 91 -2.45 18.96 18.08
C LYS B 91 -3.27 19.37 16.86
N GLU B 92 -2.73 20.24 16.01
CA GLU B 92 -3.44 20.76 14.86
C GLU B 92 -3.23 19.94 13.59
N ILE B 93 -2.43 18.89 13.65
CA ILE B 93 -1.98 18.15 12.48
C ILE B 93 -2.57 16.76 12.47
N LYS B 94 -3.19 16.40 11.35
CA LYS B 94 -3.78 15.07 11.17
C LYS B 94 -3.64 14.69 9.70
N HIS B 95 -2.81 13.68 9.42
CA HIS B 95 -2.57 13.21 8.07
C HIS B 95 -2.07 11.78 8.16
N PRO B 96 -2.50 10.88 7.26
CA PRO B 96 -2.10 9.47 7.38
C PRO B 96 -0.60 9.25 7.28
N ASN B 97 0.16 10.21 6.71
CA ASN B 97 1.58 10.05 6.54
C ASN B 97 2.38 11.03 7.42
N LEU B 98 1.76 11.50 8.50
CA LEU B 98 2.46 12.26 9.54
C LEU B 98 2.24 11.56 10.86
N VAL B 99 3.33 11.41 11.64
CA VAL B 99 3.26 10.69 12.90
C VAL B 99 2.17 11.28 13.77
N GLN B 100 1.25 10.42 14.22
CA GLN B 100 0.04 10.88 14.91
C GLN B 100 0.31 11.06 16.39
N LEU B 101 -0.05 12.23 16.91
CA LEU B 101 -0.02 12.46 18.34
C LEU B 101 -1.13 11.70 19.04
N LEU B 102 -0.79 11.09 20.18
CA LEU B 102 -1.76 10.37 20.98
C LEU B 102 -1.98 10.96 22.36
N GLY B 103 -1.01 11.65 22.92
CA GLY B 103 -1.20 12.26 24.22
C GLY B 103 -0.01 13.10 24.61
N VAL B 104 -0.22 13.93 25.63
CA VAL B 104 0.77 14.92 26.06
C VAL B 104 0.64 15.11 27.56
N CYS B 105 1.77 15.41 28.21
CA CYS B 105 1.82 15.72 29.66
C CYS B 105 2.51 17.06 29.91
N THR B 106 1.75 18.15 29.94
CA THR B 106 2.31 19.49 30.13
C THR B 106 2.01 20.09 31.49
N ARG B 107 1.22 19.42 32.34
CA ARG B 107 0.80 20.06 33.58
C ARG B 107 1.95 20.18 34.55
N GLU B 108 2.65 19.08 34.83
CA GLU B 108 3.78 19.08 35.74
C GLU B 108 4.94 18.30 35.13
N PRO B 109 6.18 18.68 35.44
CA PRO B 109 7.32 17.90 34.97
C PRO B 109 7.33 16.53 35.63
N PRO B 110 7.93 15.52 34.97
CA PRO B 110 8.52 15.59 33.64
C PRO B 110 7.46 15.61 32.54
N PHE B 111 7.76 16.31 31.44
CA PHE B 111 6.79 16.50 30.37
C PHE B 111 6.88 15.36 29.37
N TYR B 112 5.73 14.92 28.87
CA TYR B 112 5.65 13.83 27.91
C TYR B 112 4.94 14.30 26.65
N ILE B 113 5.49 13.91 25.50
CA ILE B 113 4.77 13.93 24.22
C ILE B 113 4.69 12.49 23.74
N ILE B 114 3.47 11.98 23.60
CA ILE B 114 3.23 10.58 23.29
C ILE B 114 2.65 10.49 21.89
N THR B 115 3.31 9.71 21.04
CA THR B 115 2.88 9.50 19.66
C THR B 115 2.81 8.00 19.39
N GLU B 116 2.21 7.66 18.25
CA GLU B 116 2.16 6.26 17.85
C GLU B 116 3.56 5.72 17.61
N PHE B 117 3.70 4.40 17.74
CA PHE B 117 4.97 3.72 17.56
C PHE B 117 4.96 3.02 16.22
N MET B 118 5.96 3.31 15.39
CA MET B 118 6.08 2.71 14.07
C MET B 118 6.95 1.47 14.18
N THR B 119 6.36 0.31 13.84
CA THR B 119 6.97 -0.97 14.19
C THR B 119 8.28 -1.20 13.45
N TYR B 120 8.43 -0.70 12.23
CA TYR B 120 9.59 -1.00 11.41
C TYR B 120 10.67 0.06 11.50
N GLY B 121 10.59 0.96 12.48
CA GLY B 121 11.67 1.91 12.70
C GLY B 121 11.74 3.02 11.66
N ASN B 122 12.93 3.60 11.53
CA ASN B 122 13.16 4.73 10.64
C ASN B 122 13.49 4.25 9.23
N LEU B 123 13.18 5.10 8.25
CA LEU B 123 13.29 4.72 6.85
C LEU B 123 14.73 4.46 6.43
N LEU B 124 15.70 5.15 7.05
CA LEU B 124 17.09 4.96 6.66
C LEU B 124 17.58 3.56 6.98
N ASP B 125 17.41 3.13 8.24
CA ASP B 125 17.79 1.77 8.60
C ASP B 125 16.96 0.74 7.84
N TYR B 126 15.68 1.04 7.61
CA TYR B 126 14.81 0.12 6.88
C TYR B 126 15.32 -0.11 5.47
N LEU B 127 15.73 0.96 4.78
CA LEU B 127 16.23 0.81 3.41
C LEU B 127 17.52 -0.01 3.38
N ARG B 128 18.38 0.18 4.37
CA ARG B 128 19.67 -0.50 4.37
C ARG B 128 19.53 -1.99 4.65
N GLU B 129 18.50 -2.39 5.38
CA GLU B 129 18.35 -3.77 5.83
C GLU B 129 17.26 -4.55 5.09
N CYS B 130 16.55 -3.92 4.15
CA CYS B 130 15.35 -4.54 3.59
C CYS B 130 15.69 -5.57 2.53
N ASN B 131 14.70 -6.40 2.22
CA ASN B 131 14.75 -7.28 1.06
C ASN B 131 14.40 -6.46 -0.17
N ARG B 132 15.39 -6.19 -1.02
CA ARG B 132 15.18 -5.33 -2.18
C ARG B 132 14.33 -6.00 -3.24
N GLN B 133 14.17 -7.32 -3.18
CA GLN B 133 13.20 -7.98 -4.05
C GLN B 133 11.78 -7.64 -3.64
N GLU B 134 11.55 -7.47 -2.33
CA GLU B 134 10.25 -7.01 -1.83
C GLU B 134 10.12 -5.49 -1.98
N VAL B 135 11.07 -4.75 -1.42
CA VAL B 135 11.11 -3.30 -1.54
C VAL B 135 11.79 -2.94 -2.85
N ASN B 136 11.09 -3.14 -3.96
CA ASN B 136 11.65 -2.93 -5.29
C ASN B 136 11.25 -1.53 -5.80
N ALA B 137 11.35 -1.33 -7.12
CA ALA B 137 11.20 0.01 -7.68
C ALA B 137 9.81 0.58 -7.44
N VAL B 138 8.77 -0.26 -7.53
CA VAL B 138 7.42 0.26 -7.34
C VAL B 138 7.19 0.62 -5.87
N VAL B 139 7.82 -0.10 -4.95
CA VAL B 139 7.68 0.22 -3.54
C VAL B 139 8.39 1.53 -3.21
N LEU B 140 9.54 1.78 -3.84
CA LEU B 140 10.23 3.05 -3.66
C LEU B 140 9.38 4.21 -4.17
N LEU B 141 8.69 4.02 -5.30
CA LEU B 141 7.74 5.03 -5.77
C LEU B 141 6.61 5.21 -4.76
N TYR B 142 6.12 4.11 -4.18
CA TYR B 142 5.08 4.17 -3.18
C TYR B 142 5.51 5.03 -1.99
N MET B 143 6.74 4.83 -1.51
CA MET B 143 7.23 5.57 -0.35
C MET B 143 7.37 7.05 -0.66
N ALA B 144 7.84 7.39 -1.87
CA ALA B 144 7.97 8.79 -2.24
C ALA B 144 6.61 9.46 -2.38
N THR B 145 5.62 8.72 -2.91
CA THR B 145 4.28 9.26 -3.01
C THR B 145 3.69 9.57 -1.64
N GLN B 146 3.94 8.69 -0.66
CA GLN B 146 3.45 8.93 0.70
C GLN B 146 4.13 10.15 1.31
N ILE B 147 5.46 10.21 1.22
CA ILE B 147 6.20 11.31 1.84
C ILE B 147 5.81 12.65 1.19
N SER B 148 5.70 12.67 -0.14
CA SER B 148 5.33 13.90 -0.83
C SER B 148 3.89 14.30 -0.56
N SER B 149 3.02 13.32 -0.26
CA SER B 149 1.65 13.64 0.14
C SER B 149 1.64 14.37 1.47
N ALA B 150 2.43 13.89 2.43
CA ALA B 150 2.53 14.59 3.72
C ALA B 150 3.09 15.99 3.54
N MET B 151 4.07 16.16 2.66
CA MET B 151 4.66 17.48 2.46
C MET B 151 3.72 18.41 1.71
N GLU B 152 2.89 17.88 0.80
CA GLU B 152 1.88 18.71 0.16
C GLU B 152 0.88 19.21 1.18
N TYR B 153 0.53 18.37 2.16
CA TYR B 153 -0.36 18.79 3.23
C TYR B 153 0.27 19.92 4.05
N LEU B 154 1.55 19.77 4.40
CA LEU B 154 2.26 20.83 5.11
C LEU B 154 2.37 22.09 4.25
N GLU B 155 2.67 21.92 2.96
CA GLU B 155 2.74 23.05 2.04
C GLU B 155 1.46 23.88 2.06
N LYS B 156 0.30 23.21 2.03
CA LYS B 156 -0.96 23.93 1.98
C LYS B 156 -1.37 24.52 3.32
N LYS B 157 -0.87 23.97 4.44
CA LYS B 157 -1.18 24.49 5.76
C LYS B 157 -0.15 25.51 6.24
N ASN B 158 0.76 25.94 5.37
CA ASN B 158 1.75 26.98 5.69
C ASN B 158 2.68 26.56 6.84
N PHE B 159 3.14 25.31 6.79
CA PHE B 159 4.17 24.81 7.68
C PHE B 159 5.42 24.48 6.89
N ILE B 160 6.55 24.45 7.59
CA ILE B 160 7.81 23.93 7.06
C ILE B 160 8.31 22.89 8.05
N HIS B 161 9.20 22.02 7.58
CA HIS B 161 9.63 20.88 8.38
C HIS B 161 10.93 21.09 9.13
N ARG B 162 11.96 21.61 8.46
CA ARG B 162 13.29 21.98 8.94
C ARG B 162 14.26 20.79 9.00
N ASP B 163 13.80 19.55 8.87
CA ASP B 163 14.72 18.41 8.91
C ASP B 163 14.17 17.23 8.11
N LEU B 164 13.89 17.45 6.83
CA LEU B 164 13.43 16.35 5.98
C LEU B 164 14.61 15.47 5.60
N ALA B 165 14.53 14.20 5.97
CA ALA B 165 15.59 13.22 5.70
C ALA B 165 15.04 11.84 6.00
N ALA B 166 15.75 10.82 5.48
CA ALA B 166 15.30 9.44 5.66
C ALA B 166 15.30 9.05 7.13
N ARG B 167 16.27 9.56 7.90
CA ARG B 167 16.34 9.25 9.32
C ARG B 167 15.14 9.79 10.09
N ASN B 168 14.42 10.76 9.53
CA ASN B 168 13.26 11.36 10.18
C ASN B 168 11.96 10.93 9.53
N CYS B 169 11.98 9.86 8.73
CA CYS B 169 10.79 9.19 8.25
C CYS B 169 10.68 7.84 8.93
N LEU B 170 9.45 7.40 9.16
CA LEU B 170 9.20 6.16 9.88
C LEU B 170 8.38 5.20 9.02
N VAL B 171 8.59 3.91 9.25
CA VAL B 171 8.01 2.85 8.43
C VAL B 171 7.12 1.98 9.29
N GLY B 172 5.91 1.69 8.79
CA GLY B 172 5.03 0.73 9.40
C GLY B 172 4.85 -0.52 8.55
N GLU B 173 3.83 -1.29 8.89
CA GLU B 173 3.54 -2.51 8.16
C GLU B 173 3.10 -2.20 6.73
N ASN B 174 3.46 -3.09 5.81
CA ASN B 174 3.08 -2.99 4.39
C ASN B 174 3.58 -1.69 3.77
N HIS B 175 4.82 -1.33 4.09
CA HIS B 175 5.52 -0.20 3.46
C HIS B 175 4.81 1.12 3.68
N LEU B 176 4.06 1.24 4.77
CA LEU B 176 3.52 2.53 5.17
C LEU B 176 4.64 3.41 5.71
N VAL B 177 4.71 4.64 5.22
CA VAL B 177 5.76 5.59 5.60
C VAL B 177 5.10 6.85 6.15
N LYS B 178 5.61 7.33 7.27
CA LYS B 178 5.16 8.57 7.89
C LYS B 178 6.36 9.47 8.17
N VAL B 179 6.18 10.76 7.94
CA VAL B 179 7.21 11.75 8.24
C VAL B 179 7.08 12.19 9.70
N ALA B 180 8.21 12.23 10.40
CA ALA B 180 8.21 12.78 11.75
C ALA B 180 7.92 14.27 11.70
N ASP B 181 7.08 14.73 12.63
CA ASP B 181 6.54 16.09 12.59
C ASP B 181 6.81 16.82 13.90
N PHE B 182 8.04 16.73 14.40
CA PHE B 182 8.39 17.31 15.68
C PHE B 182 9.15 18.61 15.58
N GLY B 183 9.71 18.95 14.41
CA GLY B 183 10.41 20.20 14.25
C GLY B 183 9.68 21.14 13.32
N LEU B 184 8.37 20.97 13.21
CA LEU B 184 7.57 21.80 12.31
C LEU B 184 7.47 23.22 12.83
N SER B 185 7.43 24.17 11.90
CA SER B 185 7.22 25.57 12.23
C SER B 185 6.13 26.13 11.33
N ARG B 186 5.23 26.91 11.92
CA ARG B 186 4.19 27.59 11.17
C ARG B 186 4.70 28.92 10.65
N LEU B 187 4.39 29.22 9.39
CA LEU B 187 4.74 30.51 8.80
C LEU B 187 3.60 31.47 9.16
N MET B 188 3.90 32.43 10.03
CA MET B 188 2.85 33.35 10.49
C MET B 188 2.38 34.26 9.38
N THR B 189 3.29 34.78 8.56
CA THR B 189 2.91 35.76 7.56
C THR B 189 3.49 35.45 6.18
N GLY B 190 4.82 35.33 6.10
CA GLY B 190 5.50 35.20 4.83
C GLY B 190 5.64 33.76 4.37
N ASP B 191 6.51 33.58 3.39
CA ASP B 191 6.86 32.25 2.89
C ASP B 191 8.17 31.72 3.46
N THR B 192 8.93 32.55 4.18
CA THR B 192 10.25 32.18 4.67
C THR B 192 10.28 32.24 6.20
N TYR B 193 10.89 31.24 6.81
CA TYR B 193 11.13 31.17 8.24
C TYR B 193 12.62 31.32 8.49
N THR B 194 12.98 32.17 9.45
CA THR B 194 14.38 32.44 9.77
C THR B 194 14.74 31.72 11.05
N ALA B 195 15.67 30.76 10.94
CA ALA B 195 16.10 29.99 12.10
C ALA B 195 16.85 30.88 13.09
N HIS B 196 16.90 30.43 14.34
CA HIS B 196 17.56 31.19 15.38
C HIS B 196 19.03 31.41 15.02
N ALA B 197 19.57 32.55 15.43
CA ALA B 197 20.95 32.89 15.14
C ALA B 197 21.90 31.84 15.71
N GLY B 198 22.86 31.42 14.90
CA GLY B 198 23.82 30.41 15.31
C GLY B 198 23.35 28.98 15.16
N ALA B 199 22.20 28.74 14.52
CA ALA B 199 21.74 27.38 14.33
C ALA B 199 22.59 26.65 13.31
N LYS B 200 22.83 25.36 13.56
CA LYS B 200 23.58 24.51 12.65
C LYS B 200 22.67 23.44 12.06
N PHE B 201 22.82 23.24 10.75
CA PHE B 201 21.93 22.39 9.98
C PHE B 201 22.71 21.21 9.38
N PRO B 202 22.05 20.06 9.17
CA PRO B 202 22.67 19.00 8.38
C PRO B 202 22.99 19.47 6.98
N ILE B 203 24.28 19.75 6.73
CA ILE B 203 24.70 20.46 5.53
C ILE B 203 24.25 19.72 4.27
N LYS B 204 24.40 18.40 4.25
CA LYS B 204 24.14 17.65 3.03
C LYS B 204 22.66 17.55 2.67
N TRP B 205 21.75 17.93 3.57
CA TRP B 205 20.34 17.96 3.26
C TRP B 205 19.79 19.38 3.12
N THR B 206 20.60 20.40 3.36
CA THR B 206 20.13 21.76 3.54
C THR B 206 20.23 22.54 2.24
N ALA B 207 19.16 23.24 1.88
CA ALA B 207 19.14 24.02 0.65
C ALA B 207 20.18 25.13 0.73
N PRO B 208 20.69 25.60 -0.42
CA PRO B 208 21.76 26.61 -0.39
C PRO B 208 21.36 27.90 0.30
N GLU B 209 20.16 28.42 0.03
CA GLU B 209 19.72 29.64 0.68
C GLU B 209 19.63 29.47 2.19
N SER B 210 19.41 28.24 2.67
CA SER B 210 19.34 28.01 4.10
C SER B 210 20.73 27.95 4.72
N LEU B 211 21.71 27.38 4.00
CA LEU B 211 23.07 27.39 4.50
C LEU B 211 23.63 28.82 4.52
N ALA B 212 23.30 29.61 3.50
CA ALA B 212 23.90 30.94 3.34
C ALA B 212 23.21 32.00 4.19
N TYR B 213 21.88 31.92 4.34
CA TYR B 213 21.12 32.97 4.99
C TYR B 213 20.25 32.48 6.14
N ASN B 214 20.34 31.20 6.51
CA ASN B 214 19.49 30.61 7.55
C ASN B 214 18.00 30.80 7.24
N LYS B 215 17.68 30.95 5.96
CA LYS B 215 16.30 31.12 5.51
C LYS B 215 15.74 29.76 5.10
N PHE B 216 14.58 29.41 5.66
CA PHE B 216 13.90 28.17 5.33
C PHE B 216 12.54 28.50 4.73
N SER B 217 12.13 27.69 3.76
CA SER B 217 10.83 27.84 3.13
C SER B 217 10.35 26.47 2.67
N ILE B 218 9.15 26.42 2.13
CA ILE B 218 8.66 25.17 1.56
C ILE B 218 9.52 24.74 0.39
N LYS B 219 10.15 25.71 -0.30
CA LYS B 219 11.04 25.36 -1.41
C LYS B 219 12.34 24.77 -0.91
N SER B 220 12.81 25.17 0.27
CA SER B 220 13.99 24.52 0.84
C SER B 220 13.66 23.12 1.36
N ASP B 221 12.40 22.88 1.73
CA ASP B 221 11.96 21.51 1.99
C ASP B 221 11.95 20.68 0.72
N VAL B 222 11.61 21.30 -0.42
CA VAL B 222 11.65 20.60 -1.70
C VAL B 222 13.08 20.16 -2.00
N TRP B 223 14.06 21.02 -1.73
CA TRP B 223 15.45 20.63 -1.91
C TRP B 223 15.80 19.42 -1.05
N ALA B 224 15.43 19.45 0.23
CA ALA B 224 15.71 18.32 1.12
C ALA B 224 14.99 17.06 0.64
N PHE B 225 13.78 17.21 0.11
CA PHE B 225 13.07 16.05 -0.40
C PHE B 225 13.83 15.40 -1.55
N GLY B 226 14.48 16.21 -2.39
CA GLY B 226 15.31 15.66 -3.44
C GLY B 226 16.44 14.80 -2.91
N VAL B 227 17.09 15.26 -1.84
CA VAL B 227 18.12 14.44 -1.20
C VAL B 227 17.51 13.18 -0.62
N LEU B 228 16.33 13.30 0.00
CA LEU B 228 15.62 12.13 0.51
C LEU B 228 15.33 11.14 -0.61
N LEU B 229 14.94 11.64 -1.79
CA LEU B 229 14.76 10.77 -2.94
C LEU B 229 16.04 10.00 -3.26
N TRP B 230 17.19 10.68 -3.19
CA TRP B 230 18.46 10.02 -3.46
C TRP B 230 18.77 8.95 -2.42
N GLU B 231 18.47 9.23 -1.15
CA GLU B 231 18.61 8.20 -0.12
C GLU B 231 17.75 6.99 -0.44
N ILE B 232 16.53 7.23 -0.91
CA ILE B 232 15.61 6.12 -1.23
C ILE B 232 16.12 5.33 -2.42
N ALA B 233 16.56 6.01 -3.47
CA ALA B 233 17.00 5.32 -4.68
C ALA B 233 18.28 4.52 -4.47
N THR B 234 19.06 4.83 -3.44
CA THR B 234 20.29 4.11 -3.14
C THR B 234 20.14 3.15 -1.97
N TYR B 235 18.92 2.98 -1.46
CA TYR B 235 18.64 2.12 -0.30
C TYR B 235 19.47 2.53 0.91
N GLY B 236 19.58 3.83 1.13
CA GLY B 236 20.16 4.36 2.35
C GLY B 236 21.63 4.75 2.31
N MET B 237 22.17 5.04 1.14
CA MET B 237 23.55 5.50 1.06
C MET B 237 23.67 6.93 1.57
N SER B 238 24.85 7.25 2.09
CA SER B 238 25.12 8.61 2.55
C SER B 238 25.26 9.55 1.35
N PRO B 239 24.61 10.72 1.39
CA PRO B 239 24.71 11.64 0.25
C PRO B 239 26.09 12.30 0.19
N TYR B 240 26.43 12.76 -1.02
CA TYR B 240 27.74 13.32 -1.35
C TYR B 240 28.86 12.50 -0.72
N PRO B 241 28.96 11.20 -1.02
CA PRO B 241 29.92 10.35 -0.31
C PRO B 241 31.36 10.80 -0.55
N GLY B 242 32.12 10.89 0.54
CA GLY B 242 33.52 11.25 0.49
C GLY B 242 33.81 12.72 0.27
N ILE B 243 32.81 13.52 -0.08
CA ILE B 243 33.02 14.94 -0.33
C ILE B 243 33.17 15.66 1.01
N ASP B 244 34.13 16.57 1.08
CA ASP B 244 34.34 17.33 2.31
C ASP B 244 33.19 18.30 2.53
N LEU B 245 32.63 18.27 3.75
CA LEU B 245 31.52 19.15 4.09
C LEU B 245 31.87 20.62 3.84
N SER B 246 33.15 20.97 3.99
CA SER B 246 33.57 22.35 3.78
C SER B 246 33.29 22.84 2.36
N GLN B 247 33.25 21.92 1.39
CA GLN B 247 33.12 22.28 -0.02
C GLN B 247 31.71 22.09 -0.56
N VAL B 248 30.77 21.62 0.27
CA VAL B 248 29.44 21.30 -0.23
C VAL B 248 28.77 22.54 -0.83
N TYR B 249 28.73 23.64 -0.09
CA TYR B 249 28.00 24.82 -0.58
C TYR B 249 28.56 25.35 -1.89
N GLU B 250 29.89 25.47 -1.99
CA GLU B 250 30.44 26.06 -3.20
C GLU B 250 30.40 25.09 -4.38
N LEU B 251 30.46 23.80 -4.11
CA LEU B 251 30.18 22.83 -5.17
C LEU B 251 28.78 23.04 -5.74
N LEU B 252 27.79 23.21 -4.85
CA LEU B 252 26.44 23.46 -5.32
C LEU B 252 26.31 24.78 -6.06
N GLU B 253 27.09 25.80 -5.65
CA GLU B 253 27.01 27.10 -6.33
C GLU B 253 27.44 26.99 -7.78
N LYS B 254 28.42 26.15 -8.07
CA LYS B 254 28.91 25.96 -9.44
C LYS B 254 28.27 24.74 -10.12
N ASP B 255 27.00 24.47 -9.79
CA ASP B 255 26.16 23.50 -10.50
C ASP B 255 26.66 22.06 -10.38
N TYR B 256 27.31 21.70 -9.28
CA TYR B 256 27.55 20.29 -9.00
C TYR B 256 26.32 19.68 -8.35
N ARG B 257 25.92 18.52 -8.82
CA ARG B 257 24.78 17.79 -8.27
C ARG B 257 25.11 16.30 -8.22
N MET B 258 24.48 15.60 -7.28
CA MET B 258 24.65 14.15 -7.21
C MET B 258 24.14 13.50 -8.48
N GLU B 259 24.82 12.44 -8.89
CA GLU B 259 24.49 11.73 -10.13
C GLU B 259 23.36 10.73 -9.92
N ARG B 260 22.75 10.34 -11.03
CA ARG B 260 21.64 9.39 -10.98
C ARG B 260 22.12 8.04 -10.46
N PRO B 261 21.50 7.50 -9.42
CA PRO B 261 21.92 6.21 -8.90
C PRO B 261 21.63 5.08 -9.87
N GLU B 262 22.39 3.99 -9.71
CA GLU B 262 22.17 2.81 -10.53
C GLU B 262 20.76 2.27 -10.34
N GLY B 263 20.08 1.99 -11.45
CA GLY B 263 18.71 1.52 -11.42
C GLY B 263 17.66 2.58 -11.19
N CYS B 264 18.05 3.85 -10.99
CA CYS B 264 17.08 4.90 -10.80
C CYS B 264 16.48 5.32 -12.13
N PRO B 265 15.15 5.31 -12.28
CA PRO B 265 14.55 5.73 -13.54
C PRO B 265 14.89 7.18 -13.86
N GLU B 266 15.06 7.46 -15.15
CA GLU B 266 15.45 8.81 -15.56
C GLU B 266 14.42 9.85 -15.15
N LYS B 267 13.13 9.50 -15.23
CA LYS B 267 12.10 10.44 -14.83
C LYS B 267 12.20 10.77 -13.35
N VAL B 268 12.59 9.80 -12.53
CA VAL B 268 12.79 10.07 -11.11
C VAL B 268 14.01 10.97 -10.90
N TYR B 269 15.08 10.72 -11.65
CA TYR B 269 16.27 11.56 -11.49
C TYR B 269 16.01 12.99 -11.97
N GLU B 270 15.14 13.17 -12.97
CA GLU B 270 14.81 14.52 -13.41
C GLU B 270 13.98 15.25 -12.35
N LEU B 271 13.22 14.51 -11.56
CA LEU B 271 12.52 15.10 -10.42
C LEU B 271 13.50 15.48 -9.32
N MET B 272 14.52 14.65 -9.10
CA MET B 272 15.60 15.00 -8.18
C MET B 272 16.24 16.32 -8.58
N ARG B 273 16.66 16.43 -9.85
CA ARG B 273 17.36 17.62 -10.31
C ARG B 273 16.47 18.85 -10.25
N ALA B 274 15.17 18.69 -10.47
CA ALA B 274 14.25 19.82 -10.35
C ALA B 274 14.16 20.30 -8.91
N CYS B 275 14.15 19.37 -7.94
CA CYS B 275 14.19 19.75 -6.54
C CYS B 275 15.47 20.47 -6.19
N TRP B 276 16.54 20.26 -6.97
CA TRP B 276 17.85 20.84 -6.69
C TRP B 276 18.16 22.05 -7.56
N GLN B 277 17.14 22.71 -8.11
CA GLN B 277 17.40 23.97 -8.80
C GLN B 277 17.95 25.00 -7.81
N TRP B 278 18.89 25.80 -8.29
CA TRP B 278 19.54 26.77 -7.41
C TRP B 278 18.55 27.80 -6.89
N ASN B 279 17.75 28.38 -7.78
CA ASN B 279 16.74 29.35 -7.38
C ASN B 279 15.53 28.62 -6.82
N PRO B 280 15.14 28.89 -5.57
CA PRO B 280 13.97 28.19 -5.00
C PRO B 280 12.71 28.33 -5.84
N SER B 281 12.53 29.48 -6.50
CA SER B 281 11.34 29.68 -7.31
C SER B 281 11.29 28.74 -8.51
N ASP B 282 12.41 28.15 -8.89
CA ASP B 282 12.45 27.18 -9.99
C ASP B 282 12.17 25.75 -9.54
N ARG B 283 12.18 25.48 -8.24
CA ARG B 283 11.89 24.13 -7.76
C ARG B 283 10.40 23.87 -7.80
N PRO B 284 9.99 22.63 -8.10
CA PRO B 284 8.56 22.33 -8.15
C PRO B 284 7.92 22.35 -6.77
N SER B 285 6.60 22.50 -6.77
CA SER B 285 5.84 22.41 -5.53
C SER B 285 5.61 20.95 -5.15
N PHE B 286 5.33 20.73 -3.87
CA PHE B 286 5.01 19.38 -3.41
C PHE B 286 3.73 18.86 -4.05
N ALA B 287 2.82 19.76 -4.44
CA ALA B 287 1.64 19.36 -5.19
C ALA B 287 2.03 18.70 -6.50
N GLU B 288 2.92 19.36 -7.26
CA GLU B 288 3.38 18.78 -8.52
C GLU B 288 4.21 17.53 -8.29
N ILE B 289 5.05 17.54 -7.25
CA ILE B 289 5.87 16.37 -6.94
C ILE B 289 4.99 15.17 -6.63
N HIS B 290 4.00 15.37 -5.76
CA HIS B 290 3.11 14.26 -5.40
C HIS B 290 2.34 13.76 -6.62
N GLN B 291 1.86 14.67 -7.46
CA GLN B 291 1.15 14.26 -8.68
C GLN B 291 2.04 13.42 -9.59
N ALA B 292 3.31 13.84 -9.76
CA ALA B 292 4.21 13.09 -10.64
C ALA B 292 4.51 11.71 -10.07
N PHE B 293 4.73 11.61 -8.75
CA PHE B 293 5.04 10.31 -8.15
C PHE B 293 3.80 9.42 -8.09
N GLU B 294 2.62 10.02 -7.84
CA GLU B 294 1.39 9.25 -7.84
C GLU B 294 1.14 8.58 -9.18
N THR B 295 1.35 9.33 -10.27
CA THR B 295 1.15 8.77 -11.61
C THR B 295 2.10 7.62 -11.88
N MET B 296 3.39 7.82 -11.59
CA MET B 296 4.37 6.75 -11.81
C MET B 296 4.03 5.53 -10.96
N PHE B 297 3.62 5.73 -9.71
CA PHE B 297 3.27 4.61 -8.85
C PHE B 297 2.06 3.85 -9.38
N GLN B 298 1.03 4.58 -9.82
CA GLN B 298 -0.17 3.92 -10.32
C GLN B 298 0.08 3.18 -11.63
N GLU B 299 1.01 3.65 -12.45
CA GLU B 299 1.33 2.99 -13.71
C GLU B 299 2.28 1.83 -13.55
N SER B 300 2.68 1.48 -12.32
CA SER B 300 3.62 0.39 -12.10
C SER B 300 2.98 -0.75 -11.32
B33 HJ9 C . -13.60 -5.62 -2.30
C02 HJ9 C . -25.32 -8.95 -1.41
C04 HJ9 C . -26.32 -9.84 -3.64
C05 HJ9 C . -27.83 -8.83 -1.83
C06 HJ9 C . -23.86 -9.32 -1.88
C07 HJ9 C . -23.13 -10.35 -1.30
C09 HJ9 C . -21.34 -9.93 -2.71
C10 HJ9 C . -22.01 -8.90 -3.33
C11 HJ9 C . -21.41 -8.05 -4.50
C12 HJ9 C . -22.18 -7.84 -5.65
C14 HJ9 C . -20.50 -6.58 -6.62
C16 HJ9 C . -18.62 -5.49 -7.06
C17 HJ9 C . -18.45 -6.04 -5.79
C18 HJ9 C . -17.16 -5.91 -4.86
C19 HJ9 C . -16.56 -4.66 -4.68
C20 HJ9 C . -15.41 -4.53 -3.86
C21 HJ9 C . -14.78 -3.14 -3.69
C32 HJ9 C . -14.88 -5.67 -3.24
C36 HJ9 C . -15.49 -6.92 -3.42
C37 HJ9 C . -16.63 -7.05 -4.23
C39 HJ9 C . -16.46 -9.40 -3.90
C40 HJ9 C . -19.66 -6.74 -5.51
C41 HJ9 C . -20.13 -7.49 -4.42
C42 HJ9 C . -23.30 -8.57 -2.90
N03 HJ9 C . -26.50 -9.20 -2.28
N08 HJ9 C . -21.89 -10.62 -1.72
N13 HJ9 C . -21.72 -7.11 -6.66
N15 HJ9 C . -19.84 -5.83 -7.52
O01 HJ9 C . -25.47 -8.45 -0.37
O34 HJ9 C . -12.52 -4.93 -2.67
O35 HJ9 C . -13.40 -6.67 -1.46
O38 HJ9 C . -17.22 -8.30 -4.41
B33 HJ9 D . 12.44 13.33 17.68
C02 HJ9 D . 13.35 0.97 17.24
C04 HJ9 D . 11.50 -0.17 15.79
C05 HJ9 D . 12.73 -1.48 17.61
C06 HJ9 D . 13.17 2.35 16.48
C07 HJ9 D . 14.15 2.84 15.65
C09 HJ9 D . 12.90 4.73 15.17
C10 HJ9 D . 11.88 4.30 15.98
C11 HJ9 D . 10.55 5.13 16.18
C12 HJ9 D . 9.33 4.46 16.08
C14 HJ9 D . 8.17 6.43 16.50
C16 HJ9 D . 7.56 8.50 16.93
C17 HJ9 D . 8.96 8.52 16.89
C18 HJ9 D . 9.89 9.79 17.11
C19 HJ9 D . 9.66 10.63 18.19
C20 HJ9 D . 10.46 11.78 18.40
C21 HJ9 D . 10.15 12.69 19.62
C32 HJ9 D . 11.50 12.07 17.51
C36 HJ9 D . 11.74 11.22 16.42
C37 HJ9 D . 10.93 10.08 16.21
C39 HJ9 D . 12.04 9.79 14.10
C40 HJ9 D . 9.35 7.16 16.61
C41 HJ9 D . 10.57 6.51 16.44
C42 HJ9 D . 12.01 3.07 16.66
N03 HJ9 D . 12.54 -0.23 16.89
N08 HJ9 D . 14.00 4.01 15.01
N13 HJ9 D . 8.19 5.12 16.24
N15 HJ9 D . 7.12 7.25 16.70
O01 HJ9 D . 14.15 0.89 18.09
O34 HJ9 D . 13.68 13.26 17.18
O35 HJ9 D . 11.90 14.55 17.89
O38 HJ9 D . 11.18 9.24 15.12
#